data_3ZKO
#
_entry.id   3ZKO
#
_cell.length_a   1.000
_cell.length_b   1.000
_cell.length_c   1.000
_cell.angle_alpha   90.00
_cell.angle_beta   90.00
_cell.angle_gamma   90.00
#
_symmetry.space_group_name_H-M   'P 1'
#
_entity_poly.entity_id   1
_entity_poly.type   'polypeptide(L)'
_entity_poly.pdbx_seq_one_letter_code
;MRCIGISNRDFVEGVSGGSWVDIVLEHGSCVTTMAKNKPTLDFELIKTEAKQPATLRKYCIEAKLTNTTTDSRCPTQGEP
TLNEEQDKRFVCKHSMVDRGWGNGCGLFGKGGIVTCAMFTCKKNMEGKIVQPENLEYTVVITPHSGEEHAVGNDTGKHGK
EVKITPQSSITEAELTGYGTVTMECSPRTGLDFNEMVLLQMKDKAWLVHRQWFLDLPLPWLPGADTQGSNWIQKETLVTF
KNPHAKKQDVVVLGSQEGAMHTALTGATEIQMSSGNLLFTGHLKCRLRMDKLQLKGMSYSMCTGKFKVVKEIAETQHGTI
VIRVQYEGDGSPCKIPFEIMDLEKRHVLGRLITVNPIVTEKDSPVNIEAEPPFGDSYIIIGVEPGQLKLDWFKKGSSIGQ
MFETTMRGAKRMAILGDTAWDFGSLGGVFTSIGKALHQVFGAIYGAAFSGVSWTMKILIGVIITWIGMNSRSTSLSVSLV
LVGIVTLYLGVMVQA
;
_entity_poly.pdbx_strand_id   A,B,C
#
# COMPACT_ATOMS: atom_id res chain seq x y z
CA MET A 1 -63.94 21.31 -26.76
CA ARG A 2 -60.63 19.50 -26.05
CA CYS A 3 -60.52 20.04 -22.33
CA ILE A 4 -63.94 18.29 -21.89
CA GLY A 5 -61.95 15.15 -22.79
CA ILE A 6 -60.01 15.01 -19.48
CA SER A 7 -60.77 15.03 -15.74
CA ASN A 8 -57.94 17.48 -14.97
CA ARG A 9 -59.35 20.79 -16.18
CA ASP A 10 -58.99 24.36 -14.92
CA PHE A 11 -61.03 27.46 -15.75
CA VAL A 12 -59.33 30.83 -16.12
CA GLU A 13 -61.43 33.96 -16.50
CA GLY A 14 -60.45 37.49 -17.49
CA VAL A 15 -62.86 40.33 -16.61
CA SER A 16 -63.09 43.93 -17.94
CA GLY A 17 -59.73 45.25 -19.15
CA GLY A 18 -58.05 41.82 -18.72
CA SER A 19 -56.04 41.53 -21.97
CA TRP A 20 -53.24 39.24 -20.71
CA VAL A 21 -53.51 35.98 -18.77
CA ASP A 22 -50.80 34.06 -16.91
CA ILE A 23 -51.33 30.30 -16.66
CA VAL A 24 -49.41 27.37 -15.16
CA LEU A 25 -49.84 24.54 -17.66
CA GLU A 26 -49.10 20.99 -16.55
CA HIS A 27 -48.83 17.88 -18.61
CA GLY A 28 -52.03 15.88 -18.45
CA SER A 29 -54.04 19.07 -17.71
CA CYS A 30 -56.09 21.50 -19.75
CA VAL A 31 -57.17 25.09 -19.26
CA THR A 32 -60.29 26.79 -20.57
CA THR A 33 -59.92 30.50 -20.87
CA MET A 34 -63.04 32.67 -21.05
CA ALA A 35 -63.14 36.48 -21.26
CA LYS A 36 -65.76 39.12 -21.98
CA ASN A 37 -66.04 39.92 -25.68
CA LYS A 38 -63.42 37.24 -26.51
CA PRO A 39 -63.92 33.77 -28.12
CA THR A 40 -63.15 31.12 -25.44
CA LEU A 41 -59.98 29.07 -25.86
CA ASP A 42 -58.53 25.78 -24.62
CA PHE A 43 -54.85 25.59 -23.95
CA GLU A 44 -52.55 22.92 -22.59
CA LEU A 45 -49.00 21.72 -22.40
CA ILE A 46 -48.85 18.68 -24.67
CA LYS A 47 -45.26 17.49 -24.39
CA THR A 48 -41.80 18.02 -22.92
CA GLU A 49 -38.87 16.33 -24.68
CA ALA A 50 -35.37 16.54 -26.13
CA LYS A 51 -34.21 14.78 -29.30
CA GLN A 52 -31.03 12.70 -29.00
CA PRO A 53 -30.19 13.59 -25.33
CA ALA A 54 -26.54 12.95 -24.38
CA THR A 55 -25.95 9.42 -23.07
CA LEU A 56 -24.12 8.81 -19.82
CA ARG A 57 -23.06 5.31 -18.74
CA LYS A 58 -24.48 2.13 -20.15
CA TYR A 59 -24.89 -0.78 -17.75
CA CYS A 60 -24.98 -4.49 -18.46
CA ILE A 61 -27.80 -6.43 -16.90
CA GLU A 62 -26.83 -9.88 -18.17
CA ALA A 63 -23.27 -10.89 -18.88
CA LYS A 64 -22.42 -13.17 -21.81
CA LEU A 65 -19.34 -15.22 -20.92
CA THR A 66 -17.23 -17.28 -23.31
CA ASN A 67 -13.80 -18.85 -23.83
CA THR A 68 -13.09 -19.92 -20.24
CA THR A 69 -9.34 -20.56 -19.90
CA THR A 70 -7.41 -22.05 -16.97
CA ASP A 71 -3.66 -22.29 -16.29
CA SER A 72 -2.18 -24.16 -13.34
CA ARG A 73 1.37 -24.83 -12.17
CA CYS A 74 2.91 -27.34 -9.80
CA PRO A 75 4.19 -26.14 -6.34
CA THR A 76 7.73 -25.43 -7.67
CA GLN A 77 6.84 -24.25 -11.21
CA GLY A 78 6.12 -20.62 -10.14
CA GLU A 79 3.17 -18.43 -11.16
CA PRO A 80 0.53 -19.63 -13.67
CA THR A 81 -0.26 -16.99 -16.27
CA LEU A 82 -2.52 -16.39 -19.15
CA ASN A 83 -2.41 -13.69 -21.98
CA GLU A 84 -6.09 -12.74 -21.14
CA GLU A 85 -4.91 -11.51 -17.69
CA GLN A 86 -3.62 -8.46 -19.58
CA ASP A 87 -6.46 -8.04 -22.10
CA LYS A 88 -9.46 -5.81 -21.43
CA ARG A 89 -12.86 -7.61 -21.87
CA PHE A 90 -11.74 -10.47 -19.61
CA VAL A 91 -12.43 -11.30 -15.96
CA CYS A 92 -9.84 -13.37 -14.19
CA LYS A 93 -9.15 -14.79 -10.74
CA HIS A 94 -5.80 -16.02 -9.44
CA SER A 95 -5.78 -18.54 -6.58
CA MET A 96 -4.01 -21.67 -5.30
CA VAL A 97 -5.03 -25.31 -5.61
CA ASP A 98 -3.90 -28.39 -3.73
CA ARG A 99 -1.46 -30.38 -5.87
CA GLY A 100 0.47 -33.65 -5.48
CA TRP A 101 1.30 -36.97 -7.18
CA GLY A 102 -2.47 -37.46 -7.73
CA ASN A 103 -2.47 -34.59 -10.27
CA GLY A 104 1.07 -35.06 -11.67
CA CYS A 105 3.20 -32.83 -9.43
CA GLY A 106 6.57 -33.79 -7.89
CA LEU A 107 5.57 -32.22 -4.57
CA PHE A 108 2.42 -32.10 -2.47
CA GLY A 109 1.46 -28.50 -1.73
CA LYS A 110 -0.10 -25.31 -3.10
CA GLY A 111 0.12 -24.70 -6.85
CA GLY A 112 -0.69 -21.44 -8.62
CA ILE A 113 -3.88 -21.39 -10.72
CA VAL A 114 -5.57 -18.67 -12.80
CA THR A 115 -8.88 -18.68 -14.67
CA CYS A 116 -10.26 -16.15 -17.12
CA ALA A 117 -13.42 -15.63 -19.09
CA MET A 118 -14.27 -13.17 -21.87
CA PHE A 119 -17.04 -10.91 -20.69
CA THR A 120 -19.51 -9.24 -23.01
CA CYS A 121 -22.97 -7.79 -22.42
CA LYS A 122 -26.18 -9.50 -23.33
CA LYS A 123 -28.64 -6.62 -22.59
CA ASN A 124 -28.28 -2.88 -21.52
CA MET A 125 -29.58 -0.18 -19.20
CA GLU A 126 -28.66 3.24 -20.61
CA GLY A 127 -28.96 6.65 -18.93
CA LYS A 128 -29.62 9.95 -20.71
CA ILE A 129 -29.29 13.55 -19.48
CA VAL A 130 -31.22 16.60 -20.65
CA GLN A 131 -29.70 19.89 -21.76
CA PRO A 132 -32.01 22.74 -20.58
CA GLU A 133 -31.01 24.68 -23.76
CA ASN A 134 -32.24 21.85 -26.09
CA LEU A 135 -35.40 20.71 -24.29
CA GLU A 136 -38.73 21.33 -26.08
CA TYR A 137 -42.08 22.27 -24.66
CA THR A 138 -45.10 21.97 -26.91
CA VAL A 139 -48.32 23.85 -26.24
CA VAL A 140 -51.59 23.53 -28.15
CA ILE A 141 -54.40 26.02 -28.51
CA THR A 142 -57.95 25.29 -29.67
CA PRO A 143 -60.75 27.87 -30.20
CA HIS A 144 -64.31 27.24 -28.96
CA SER A 145 -66.12 27.01 -32.34
CA GLY A 146 -69.34 25.38 -31.00
CA GLU A 147 -68.62 22.50 -33.43
CA GLU A 148 -70.99 19.51 -33.29
CA HIS A 149 -67.80 17.54 -32.56
CA ALA A 150 -65.05 16.65 -31.57
CA VAL A 151 -64.23 13.38 -29.89
CA GLY A 152 -60.74 12.58 -28.53
CA ASN A 153 -59.97 10.31 -31.54
CA ASP A 154 -60.91 13.14 -33.95
CA THR A 155 -58.91 16.19 -35.03
CA GLY A 156 -60.21 19.74 -34.49
CA LYS A 157 -59.41 21.72 -37.66
CA HIS A 158 -58.83 24.92 -35.63
CA GLY A 159 -56.19 23.42 -33.30
CA LYS A 160 -52.77 25.14 -33.38
CA GLU A 161 -49.39 24.05 -32.02
CA VAL A 162 -46.55 26.14 -30.56
CA LYS A 163 -43.06 24.93 -29.59
CA ILE A 164 -40.80 26.70 -27.12
CA THR A 165 -37.14 26.48 -26.25
CA PRO A 166 -35.13 28.67 -23.78
CA GLN A 167 -33.90 30.76 -26.76
CA SER A 168 -37.37 31.11 -28.33
CA SER A 169 -39.96 31.96 -25.66
CA ILE A 170 -42.56 33.88 -27.71
CA THR A 171 -44.89 32.71 -30.47
CA GLU A 172 -47.76 34.41 -32.26
CA ALA A 173 -50.48 32.07 -33.52
CA GLU A 174 -53.24 32.78 -36.03
CA LEU A 175 -56.46 31.18 -34.81
CA THR A 176 -58.24 31.08 -38.16
CA GLY A 177 -60.85 33.90 -38.33
CA TYR A 178 -60.58 34.48 -34.52
CA GLY A 179 -57.40 36.60 -34.92
CA THR A 180 -53.99 36.27 -33.41
CA VAL A 181 -53.01 35.02 -29.95
CA THR A 182 -49.59 35.50 -28.42
CA MET A 183 -47.91 32.91 -26.20
CA GLU A 184 -44.89 33.59 -24.02
CA CYS A 185 -43.84 30.42 -22.19
CA SER A 186 -40.64 30.39 -20.14
CA PRO A 187 -38.76 27.03 -20.28
CA ARG A 188 -36.74 28.28 -17.29
CA THR A 189 -39.95 28.24 -15.20
CA GLY A 190 -40.28 24.50 -16.04
CA LEU A 191 -38.94 21.45 -14.33
CA ASP A 192 -35.37 21.43 -13.07
CA PHE A 193 -33.54 18.52 -14.62
CA ASN A 194 -30.09 18.68 -12.98
CA GLU A 195 -30.57 15.37 -11.10
CA MET A 196 -32.75 13.71 -13.76
CA VAL A 197 -31.67 10.69 -15.79
CA LEU A 198 -33.89 8.94 -18.33
CA LEU A 199 -33.31 5.25 -18.01
CA GLN A 200 -33.86 3.04 -21.04
CA MET A 201 -33.72 -0.74 -21.28
CA LYS A 202 -34.97 -2.46 -24.44
CA ASP A 203 -38.44 -0.86 -24.20
CA LYS A 204 -39.67 2.51 -22.89
CA ALA A 205 -38.30 4.32 -19.97
CA TRP A 206 -38.17 5.62 -16.43
CA LEU A 207 -37.24 8.90 -14.83
CA VAL A 208 -34.65 8.16 -12.18
CA HIS A 209 -32.45 10.17 -9.79
CA ARG A 210 -28.85 10.69 -11.00
CA GLN A 211 -27.29 9.55 -7.70
CA TRP A 212 -29.24 6.26 -7.73
CA PHE A 213 -28.26 5.63 -11.37
CA LEU A 214 -24.56 6.32 -10.74
CA ASP A 215 -24.55 3.82 -7.87
CA LEU A 216 -25.78 0.79 -9.81
CA PRO A 217 -23.73 -2.30 -8.84
CA LEU A 218 -23.45 -3.38 -12.50
CA PRO A 219 -20.77 -3.61 -15.23
CA TRP A 220 -20.66 -0.28 -17.08
CA LEU A 221 -19.04 1.48 -20.00
CA PRO A 222 -19.29 4.58 -22.19
CA GLY A 223 -21.13 4.37 -25.42
CA ALA A 224 -19.06 6.98 -26.85
CA ASP A 225 -18.18 6.21 -30.47
CA THR A 226 -20.67 3.26 -30.33
CA GLN A 227 -17.81 1.68 -28.37
CA GLY A 228 -16.43 1.61 -25.35
CA SER A 229 -15.54 -1.90 -26.57
CA ASN A 230 -15.21 -3.40 -23.09
CA TRP A 231 -17.11 -3.26 -19.82
CA ILE A 232 -15.59 -2.05 -16.62
CA GLN A 233 -16.41 -3.83 -13.41
CA LYS A 234 -17.58 -6.91 -15.30
CA GLU A 235 -16.67 -9.09 -12.27
CA THR A 236 -19.89 -7.72 -10.67
CA LEU A 237 -21.85 -10.46 -12.56
CA VAL A 238 -19.24 -13.12 -12.38
CA THR A 239 -17.88 -15.42 -9.92
CA PHE A 240 -15.23 -17.44 -11.72
CA LYS A 241 -16.53 -19.38 -8.78
CA ASN A 242 -14.51 -21.03 -6.01
CA PRO A 243 -12.88 -24.34 -6.81
CA HIS A 244 -14.30 -27.54 -5.56
CA ALA A 245 -12.39 -30.72 -6.31
CA LYS A 246 -11.95 -30.90 -10.15
CA LYS A 247 -14.51 -28.22 -11.04
CA GLN A 248 -14.62 -24.43 -11.23
CA ASP A 249 -17.66 -22.57 -12.42
CA VAL A 250 -17.54 -19.79 -14.82
CA VAL A 251 -20.64 -18.84 -12.73
CA VAL A 252 -22.78 -16.17 -14.12
CA LEU A 253 -25.17 -14.27 -11.79
CA GLY A 254 -27.84 -14.37 -14.48
CA SER A 255 -30.16 -11.67 -15.81
CA GLN A 256 -30.52 -8.66 -13.49
CA GLU A 257 -33.61 -7.31 -15.30
CA GLY A 258 -36.05 -8.71 -12.72
CA ALA A 259 -33.90 -7.24 -9.92
CA MET A 260 -33.85 -3.77 -11.51
CA HIS A 261 -37.59 -3.81 -12.30
CA THR A 262 -38.31 -4.36 -8.58
CA ALA A 263 -36.23 -1.25 -7.78
CA LEU A 264 -38.09 0.65 -10.52
CA THR A 265 -41.56 0.03 -9.09
CA GLY A 266 -42.91 3.37 -7.80
CA ALA A 267 -40.45 5.33 -9.99
CA THR A 268 -42.12 7.63 -12.52
CA GLU A 269 -42.24 6.36 -16.12
CA ILE A 270 -41.12 8.44 -19.08
CA GLN A 271 -41.58 7.70 -22.80
CA MET A 272 -39.32 7.38 -25.89
CA SER A 273 -40.68 8.05 -29.41
CA SER A 274 -37.91 7.29 -31.94
CA GLY A 275 -35.64 8.98 -29.36
CA ASN A 276 -38.20 11.73 -28.66
CA LEU A 277 -38.93 11.14 -25.01
CA LEU A 278 -42.09 12.65 -23.37
CA PHE A 279 -42.95 13.65 -19.82
CA THR A 280 -45.41 15.48 -17.58
CA GLY A 281 -44.14 18.48 -15.52
CA HIS A 282 -45.20 22.09 -16.03
CA LEU A 283 -44.56 25.57 -17.44
CA LYS A 284 -45.99 29.06 -17.00
CA CYS A 285 -47.12 30.96 -20.08
CA ARG A 286 -48.60 34.40 -20.69
CA LEU A 287 -51.49 34.56 -23.16
CA ARG A 288 -52.27 37.74 -25.04
CA MET A 289 -55.95 37.97 -26.03
CA ASP A 290 -56.07 41.58 -27.30
CA LYS A 291 -56.03 40.47 -30.95
CA LEU A 292 -58.89 37.95 -30.66
CA GLN A 293 -62.27 38.70 -32.12
CA LEU A 294 -65.31 37.02 -31.47
CA LYS A 295 -68.37 36.26 -32.91
CA GLY A 296 -71.95 37.34 -33.11
CA MET A 297 -72.16 40.36 -30.81
CA SER A 298 -74.14 42.47 -33.33
CA TYR A 299 -76.72 39.83 -34.29
CA SER A 300 -80.33 40.33 -33.19
CA MET A 301 -81.80 37.95 -30.61
CA CYS A 302 -84.73 35.67 -31.39
CA THR A 303 -87.21 34.88 -28.60
CA GLY A 304 -89.03 32.00 -30.36
CA LYS A 305 -88.27 28.80 -32.28
CA PHE A 306 -86.31 26.61 -29.86
CA LYS A 307 -86.48 22.91 -29.14
CA VAL A 308 -84.21 20.51 -27.26
CA VAL A 309 -82.03 18.27 -29.39
CA LYS A 310 -80.18 17.16 -26.22
CA GLU A 311 -81.94 17.92 -22.93
CA ILE A 312 -79.99 19.20 -19.96
CA ALA A 313 -77.42 16.68 -18.76
CA GLU A 314 -74.82 16.52 -16.00
CA THR A 315 -71.37 16.91 -17.57
CA GLN A 316 -69.40 15.27 -14.70
CA HIS A 317 -67.57 18.58 -14.11
CA GLY A 318 -70.34 20.19 -12.00
CA THR A 319 -71.62 21.90 -15.15
CA ILE A 320 -74.67 21.35 -17.34
CA VAL A 321 -74.49 20.57 -21.07
CA ILE A 322 -77.33 20.80 -23.66
CA ARG A 323 -77.96 21.37 -27.29
CA VAL A 324 -80.88 23.26 -28.86
CA GLN A 325 -82.25 23.50 -32.41
CA TYR A 326 -83.54 26.70 -33.95
CA GLU A 327 -86.05 26.84 -36.83
CA GLY A 328 -86.04 30.59 -37.32
CA ASP A 329 -84.04 32.91 -39.43
CA GLY A 330 -82.65 35.44 -37.03
CA SER A 331 -80.23 35.30 -40.02
CA PRO A 332 -77.38 34.26 -37.49
CA CYS A 333 -78.80 35.27 -34.06
CA LYS A 334 -77.95 35.34 -30.38
CA ILE A 335 -79.47 32.63 -28.19
CA PRO A 336 -81.54 34.11 -25.32
CA PHE A 337 -80.33 31.75 -22.58
CA GLU A 338 -80.90 32.21 -18.82
CA ILE A 339 -81.89 30.18 -15.77
CA MET A 340 -83.77 31.00 -12.55
CA ASP A 341 -83.93 29.37 -9.14
CA LEU A 342 -87.35 27.90 -8.42
CA GLU A 343 -89.33 30.68 -6.62
CA LYS A 344 -87.31 33.63 -7.95
CA ARG A 345 -87.57 35.57 -11.21
CA HIS A 346 -84.08 36.84 -12.07
CA VAL A 347 -81.33 36.22 -14.63
CA LEU A 348 -77.98 34.86 -13.38
CA GLY A 349 -74.91 33.25 -14.98
CA ARG A 350 -72.90 31.26 -15.36
CA LEU A 351 -72.24 30.51 -19.03
CA ILE A 352 -69.04 28.73 -20.04
CA THR A 353 -69.92 28.94 -23.74
CA VAL A 354 -69.33 32.57 -24.75
CA ASN A 355 -72.09 34.59 -26.47
CA PRO A 356 -74.18 31.52 -27.55
CA ILE A 357 -75.30 32.22 -31.12
CA VAL A 358 -77.10 30.19 -33.87
CA THR A 359 -75.84 30.73 -37.43
CA GLU A 360 -77.59 30.03 -40.72
CA LYS A 361 -74.00 29.39 -41.76
CA ASP A 362 -74.50 25.93 -40.14
CA SER A 363 -73.47 25.56 -36.48
CA PRO A 364 -74.09 26.85 -32.94
CA VAL A 365 -76.66 25.31 -30.48
CA ASN A 366 -74.39 23.66 -27.87
CA ILE A 367 -74.29 25.36 -24.47
CA GLU A 368 -72.40 24.54 -21.26
CA ALA A 369 -73.34 26.47 -18.09
CA GLU A 370 -72.92 26.27 -14.32
CA PRO A 371 -76.03 26.56 -12.08
CA PRO A 372 -76.30 26.91 -8.27
CA PHE A 373 -77.35 23.86 -6.20
CA GLY A 374 -81.08 23.09 -5.89
CA ASP A 375 -84.10 23.33 -8.21
CA SER A 376 -83.67 25.59 -11.21
CA TYR A 377 -85.40 26.21 -14.51
CA ILE A 378 -83.45 26.69 -17.71
CA ILE A 379 -84.76 29.02 -20.34
CA ILE A 380 -84.07 29.46 -24.01
CA GLY A 381 -87.80 30.57 -23.28
CA VAL A 382 -88.55 33.75 -23.64
CA GLU A 383 -90.25 35.59 -25.80
CA PRO A 384 -93.56 33.93 -26.79
CA GLY A 385 -93.10 30.47 -26.38
CA GLN A 386 -89.95 30.28 -24.88
CA LEU A 387 -88.24 26.86 -24.44
CA LYS A 388 -87.80 25.75 -20.79
CA LEU A 389 -86.55 22.76 -18.79
CA ASP A 390 -86.47 21.76 -15.14
CA TRP A 391 -83.06 21.16 -13.63
CA PHE A 392 -82.04 19.91 -10.22
CA LYS A 393 -78.42 20.85 -9.59
CA LYS A 394 -76.22 18.45 -7.57
CA MET B 1 -7.69 26.99 -2.10
CA ARG B 2 -4.53 25.34 -0.72
CA CYS B 3 -6.00 23.96 2.46
CA ILE B 4 -8.66 21.98 0.49
CA GLY B 5 -5.65 19.85 -0.56
CA ILE B 6 -5.17 18.25 2.89
CA SER B 7 -7.26 16.36 5.47
CA ASN B 8 -5.76 18.30 8.40
CA ARG B 9 -7.51 21.67 8.14
CA ASP B 10 -8.72 24.16 10.73
CA PHE B 11 -11.09 27.10 10.38
CA VAL B 12 -10.43 30.34 12.27
CA GLU B 13 -13.05 33.08 12.24
CA GLY B 14 -12.83 36.70 13.37
CA VAL B 15 -16.11 38.55 14.09
CA SER B 16 -16.84 42.31 14.39
CA GLY B 17 -13.83 44.29 15.55
CA GLY B 18 -11.51 41.24 15.30
CA SER B 19 -8.44 42.73 13.59
CA TRP B 20 -5.79 40.33 14.96
CA VAL B 21 -5.81 36.53 15.02
CA ASP B 22 -3.58 34.15 16.99
CA ILE B 23 -3.05 30.73 15.40
CA VAL B 24 -1.08 27.59 16.29
CA LEU B 25 0.30 26.34 12.99
CA GLU B 26 1.57 22.77 12.76
CA HIS B 27 3.50 21.13 10.01
CA GLY B 28 1.20 19.07 7.82
CA SER B 29 -1.77 21.32 8.76
CA CYS B 30 -3.51 24.28 7.17
CA VAL B 31 -5.69 27.08 8.49
CA THR B 32 -8.43 28.96 6.70
CA THR B 33 -9.06 32.35 8.14
CA MET B 34 -12.35 34.09 7.41
CA ALA B 35 -13.48 37.48 8.74
CA LYS B 36 -16.28 39.92 8.02
CA ASN B 37 -15.36 42.44 5.31
CA LYS B 38 -11.96 40.71 4.81
CA PRO B 39 -10.78 38.47 1.91
CA THR B 40 -10.35 34.90 3.29
CA LEU B 41 -6.80 33.56 3.62
CA ASP B 42 -5.05 30.22 3.93
CA PHE B 43 -2.01 29.99 6.12
CA GLU B 44 0.27 27.17 7.19
CA LEU B 45 3.66 26.30 8.52
CA ILE B 46 5.55 24.80 5.58
CA LYS B 47 8.93 23.90 7.01
CA THR B 48 11.27 23.89 10.00
CA GLU B 49 15.00 23.50 9.33
CA ALA B 50 18.56 24.66 9.93
CA LYS B 51 21.29 24.80 7.29
CA GLN B 52 24.56 23.07 8.17
CA PRO B 53 23.68 22.10 11.81
CA ALA B 54 26.70 21.33 14.00
CA THR B 55 27.75 17.68 13.87
CA LEU B 56 28.30 15.67 17.04
CA ARG B 57 29.84 12.20 16.96
CA LYS B 58 30.05 10.03 13.89
CA TYR B 59 29.63 6.29 14.41
CA CYS B 60 30.89 3.42 12.29
CA ILE B 61 28.39 0.76 11.40
CA GLU B 62 30.73 -1.54 9.47
CA ALA B 63 34.41 -1.80 10.18
CA LYS B 64 36.94 -2.25 7.36
CA LEU B 65 39.89 -4.25 8.67
CA THR B 66 43.26 -4.69 6.96
CA ASN B 67 46.94 -5.55 7.53
CA THR B 68 46.51 -8.20 10.24
CA THR B 69 49.85 -8.64 12.02
CA THR B 70 50.87 -11.24 14.62
CA ASP B 71 53.97 -11.50 16.82
CA SER B 72 54.71 -14.46 19.07
CA ARG B 73 57.58 -15.36 21.39
CA CYS B 74 58.77 -18.60 22.96
CA PRO B 75 58.23 -19.17 26.74
CA THR B 76 61.64 -17.64 27.67
CA GLN B 77 61.85 -14.94 24.96
CA GLY B 78 59.77 -12.37 26.93
CA GLU B 79 56.92 -10.19 25.63
CA PRO B 80 55.90 -10.18 21.93
CA THR B 81 55.42 -6.67 20.59
CA LEU B 82 54.36 -4.90 17.51
CA ASN B 83 54.74 -1.15 16.44
CA GLU B 84 50.91 -1.02 15.75
CA GLU B 85 50.28 -1.56 19.51
CA GLN B 86 51.25 2.12 19.88
CA ASP B 87 49.58 3.51 16.74
CA LYS B 88 46.04 4.88 16.75
CA ARG B 89 43.74 3.29 14.07
CA PHE B 90 44.70 -0.22 15.21
CA VAL B 91 42.96 -2.79 17.41
CA CYS B 92 45.17 -5.27 19.17
CA LYS B 93 44.87 -8.14 21.62
CA HIS B 94 47.68 -9.61 23.72
CA SER B 95 47.35 -13.20 24.95
CA MET B 96 49.33 -16.42 25.52
CA VAL B 97 49.61 -19.48 23.30
CA ASP B 98 50.79 -23.01 24.07
CA ARG B 99 54.32 -23.50 22.73
CA GLY B 100 56.82 -26.37 22.63
CA TRP B 101 59.16 -28.36 20.33
CA GLY B 102 56.20 -28.78 17.92
CA ASN B 103 56.32 -25.05 17.10
CA GLY B 104 60.09 -24.50 17.48
CA CYS B 105 60.48 -23.51 21.16
CA GLY B 106 63.14 -24.87 23.54
CA LEU B 107 60.55 -25.21 26.32
CA PHE B 108 56.93 -26.38 26.53
CA GLY B 109 54.77 -23.69 28.11
CA LYS B 110 52.99 -20.37 27.60
CA GLY B 111 54.43 -17.98 25.02
CA GLY B 112 53.44 -14.34 24.57
CA ILE B 113 51.41 -13.49 21.44
CA VAL B 114 49.94 -10.22 20.12
CA THR B 115 47.74 -9.56 17.09
CA CYS B 116 46.71 -6.25 15.56
CA ALA B 117 44.53 -5.07 12.73
CA MET B 118 44.12 -1.63 11.16
CA PHE B 119 40.57 -0.46 11.69
CA THR B 120 38.80 1.95 9.39
CA CYS B 121 35.12 2.65 8.81
CA LYS B 122 33.14 1.39 5.87
CA LYS B 123 29.85 3.34 6.47
CA ASN B 124 28.69 6.08 8.99
CA MET B 125 25.88 7.19 11.30
CA GLU B 126 26.23 10.90 12.01
CA GLY B 127 24.34 13.01 14.57
CA LYS B 128 23.47 16.71 14.21
CA ILE B 129 22.25 19.24 16.79
CA VAL B 130 20.12 22.31 16.20
CA GLN B 131 20.92 25.82 17.38
CA PRO B 132 17.61 27.54 18.37
CA GLU B 133 19.12 30.87 17.14
CA ASN B 134 19.75 29.49 13.60
CA LEU B 135 16.61 27.36 13.04
CA GLU B 136 14.19 28.54 10.34
CA TYR B 137 10.45 28.40 10.24
CA THR B 138 8.74 29.04 6.94
CA VAL B 139 5.09 30.10 6.71
CA VAL B 140 3.03 30.52 3.54
CA ILE B 141 -0.01 32.65 2.94
CA THR B 142 -2.49 32.32 0.06
CA PRO B 143 -5.49 34.62 -0.63
CA HIS B 144 -8.91 33.19 -1.60
CA SER B 145 -9.16 34.53 -5.18
CA GLY B 146 -12.01 32.22 -6.32
CA GLU B 147 -9.63 30.97 -9.05
CA GLU B 148 -10.90 28.14 -11.27
CA HIS B 149 -7.79 26.31 -10.00
CA ALA B 150 -5.49 25.26 -8.28
CA VAL B 151 -4.46 21.65 -7.91
CA GLY B 152 -1.67 20.54 -5.52
CA ASN B 153 0.79 20.12 -8.44
CA ASP B 154 0.08 23.69 -9.63
CA THR B 155 1.34 27.02 -8.29
CA GLY B 156 -1.03 29.73 -7.03
CA LYS B 157 0.29 33.07 -8.34
CA HIS B 158 -0.90 34.88 -5.18
CA GLY B 159 0.99 32.62 -2.71
CA LYS B 160 3.51 34.41 -0.45
CA GLU B 161 6.29 33.05 1.76
CA VAL B 162 7.62 34.34 5.09
CA LYS B 163 10.67 33.07 7.01
CA ILE B 164 11.21 33.55 10.72
CA THR B 165 14.15 33.20 13.04
CA PRO B 166 14.35 34.03 16.80
CA GLN B 167 15.96 37.40 15.91
CA SER B 168 13.40 38.22 13.18
CA SER B 169 9.86 37.45 14.40
CA ILE B 170 7.79 39.94 12.34
CA THR B 171 7.13 40.12 8.60
CA GLU B 172 4.81 42.26 6.54
CA ALA B 173 3.57 40.66 3.32
CA GLU B 174 1.89 42.31 0.34
CA LEU B 175 -0.94 40.08 -0.87
CA THR B 176 -1.20 41.51 -4.37
CA GLY B 177 -4.26 43.85 -4.60
CA TYR B 178 -5.62 42.49 -1.25
CA GLY B 179 -3.29 44.76 0.80
CA THR B 180 -0.78 43.98 3.46
CA VAL B 181 -0.87 41.27 6.12
CA THR B 182 1.42 41.17 9.12
CA MET B 183 2.81 37.96 10.60
CA GLU B 184 4.44 37.69 14.01
CA CYS B 185 5.59 34.12 14.65
CA SER B 186 7.64 33.32 17.75
CA PRO B 187 10.32 30.61 17.16
CA ARG B 188 10.60 30.38 20.98
CA THR B 189 6.99 29.07 21.07
CA GLY B 190 8.11 26.22 18.75
CA LEU B 191 9.53 22.82 19.46
CA ASP B 192 12.19 22.45 22.13
CA PHE B 193 15.24 20.83 20.61
CA ASN B 194 17.59 20.41 23.58
CA GLU B 195 17.42 16.57 23.49
CA MET B 196 17.00 16.30 19.70
CA VAL B 197 19.59 14.76 17.39
CA LEU B 198 19.12 14.34 13.64
CA LEU B 199 20.58 11.03 12.66
CA GLN B 200 21.88 10.57 9.14
CA MET B 201 23.20 7.41 7.49
CA LYS B 202 23.80 7.40 3.72
CA ASP B 203 20.20 8.41 2.93
CA LYS B 204 17.63 10.58 4.75
CA ALA B 205 17.21 10.82 8.42
CA TRP B 206 15.60 10.21 11.77
CA LEU B 207 14.86 12.33 14.80
CA VAL B 208 16.34 10.56 17.80
CA HIS B 209 16.80 11.30 21.51
CA ARG B 210 20.26 12.60 22.48
CA GLN B 211 20.71 10.10 25.33
CA TRP B 212 19.97 7.13 23.05
CA PHE B 213 22.39 8.46 20.40
CA LEU B 214 25.20 9.01 22.93
CA ASP B 215 24.86 5.41 24.16
CA LEU B 216 25.39 3.67 20.83
CA PRO B 217 27.71 0.66 21.30
CA LEU B 218 29.66 1.55 18.13
CA PRO B 219 33.12 2.91 17.16
CA TRP B 220 32.95 6.70 17.13
CA LEU B 221 34.97 9.79 16.32
CA PRO B 222 34.68 13.53 15.73
CA GLY B 223 34.34 14.83 12.26
CA ALA B 224 35.94 17.93 13.17
CA ASP B 225 38.30 19.12 10.44
CA THR B 226 36.92 16.32 8.18
CA GLN B 227 39.16 14.19 10.42
CA GLY B 228 39.24 12.74 13.41
CA SER B 229 41.51 10.36 11.44
CA ASN B 230 40.92 7.37 13.72
CA TRP B 231 37.97 5.73 15.44
CA ILE B 232 37.74 5.32 19.17
CA GLN B 233 36.32 2.13 20.56
CA LYS B 234 36.91 0.30 17.28
CA GLU B 235 37.18 -3.02 19.19
CA THR B 236 33.35 -2.86 19.48
CA LEU B 237 33.15 -4.44 15.97
CA VAL B 238 36.14 -6.63 16.26
CA THR B 239 37.08 -9.74 17.90
CA PHE B 240 40.68 -10.40 16.91
CA LYS B 241 38.98 -13.64 17.82
CA ASN B 242 40.19 -16.28 20.27
CA PRO B 243 42.89 -18.64 19.06
CA HIS B 244 42.10 -22.14 18.07
CA ALA B 245 44.98 -24.38 17.09
CA LYS B 246 46.87 -22.61 14.23
CA LYS B 247 44.19 -20.04 13.41
CA GLN B 248 43.05 -16.66 14.74
CA ASP B 249 40.29 -14.68 13.13
CA VAL B 250 40.50 -11.08 12.44
CA VAL B 251 36.72 -11.53 13.01
CA VAL B 252 34.58 -8.68 11.99
CA LEU B 253 31.04 -8.36 13.46
CA GLY B 254 29.75 -7.32 10.05
CA SER B 255 27.44 -4.49 9.01
CA GLN B 256 25.36 -3.06 11.88
CA GLU B 257 22.93 -1.22 9.56
CA GLY B 258 20.22 -3.88 9.85
CA ALA B 259 20.62 -3.83 13.67
CA MET B 260 20.27 -0.04 13.84
CA HIS B 261 17.28 0.04 11.44
CA THR B 262 15.40 -2.33 13.80
CA ALA B 263 16.03 0.13 16.67
CA LEU B 264 14.87 2.99 14.41
CA THR B 265 11.46 1.50 13.64
CA GLY B 266 8.81 3.64 15.37
CA ALA B 267 11.24 6.60 15.62
CA THR B 268 10.07 9.74 13.78
CA GLU B 269 11.68 10.39 10.39
CA ILE B 270 13.20 13.74 9.44
CA GLN B 271 14.41 14.90 6.03
CA MET B 272 17.66 16.32 4.54
CA SER B 273 17.61 18.54 1.41
CA SER B 274 21.22 19.34 0.43
CA GLY B 275 21.75 19.69 4.22
CA ASN B 276 18.43 21.54 4.66
CA LEU B 277 16.57 19.17 6.94
CA LEU B 278 12.74 19.44 7.35
CA PHE B 279 10.34 18.48 10.12
CA THR B 280 6.82 18.79 11.46
CA GLY B 281 6.27 20.46 14.88
CA HIS B 282 4.48 23.76 15.46
CA LEU B 283 4.57 27.51 16.06
CA LYS B 284 2.14 30.22 17.15
CA CYS B 285 1.76 33.30 14.97
CA ARG B 286 -0.32 36.48 15.20
CA LEU B 287 -1.97 37.62 11.98
CA ARG B 288 -2.87 41.25 11.42
CA MET B 289 -5.78 41.66 9.00
CA ASP B 290 -6.48 45.41 9.42
CA LYS B 291 -4.73 46.25 6.13
CA LEU B 292 -6.61 43.73 3.98
CA GLN B 293 -9.26 44.84 1.56
CA LEU B 294 -11.68 42.84 -0.06
CA LYS B 295 -13.60 42.67 -2.94
CA GLY B 296 -16.98 43.43 -4.34
CA MET B 297 -18.92 44.89 -1.41
CA SER B 298 -20.32 47.84 -3.47
CA TYR B 299 -21.45 45.82 -6.49
CA SER B 300 -25.18 45.45 -7.15
CA MET B 301 -26.76 42.00 -6.78
CA CYS B 302 -28.39 40.20 -9.71
CA THR B 303 -31.39 37.96 -9.01
CA GLY B 304 -31.48 36.19 -12.41
CA LYS B 305 -29.16 34.42 -14.86
CA PHE B 306 -27.72 31.47 -12.93
CA LYS B 307 -27.06 27.90 -13.95
CA VAL B 308 -25.08 25.05 -12.37
CA VAL B 309 -21.71 24.32 -13.93
CA LYS B 310 -20.95 21.94 -11.02
CA GLU B 311 -23.98 20.85 -8.97
CA ILE B 312 -23.76 20.63 -5.20
CA ALA B 313 -21.23 18.04 -4.07
CA GLU B 314 -19.93 16.74 -0.76
CA THR B 315 -16.42 18.10 -0.20
CA GLN B 316 -15.30 15.41 2.30
CA HIS B 317 -14.88 18.12 4.99
CA GLY B 318 -18.58 18.26 5.99
CA THR B 319 -19.01 21.21 3.61
CA ILE B 320 -20.70 21.60 0.22
CA VAL B 321 -18.90 22.77 -2.93
CA ILE B 322 -20.48 24.05 -6.20
CA ARG B 323 -19.83 26.28 -9.11
CA VAL B 324 -22.35 28.47 -10.94
CA GLN B 325 -22.28 30.33 -14.26
CA TYR B 326 -23.76 33.78 -14.78
CA GLU B 327 -24.92 35.13 -18.17
CA GLY B 328 -25.80 38.63 -17.02
CA ASP B 329 -23.93 41.82 -16.78
CA GLY B 330 -24.35 42.94 -13.23
CA SER B 331 -21.05 44.47 -14.49
CA PRO B 332 -19.20 42.52 -11.58
CA CYS B 333 -22.04 41.61 -9.15
CA LYS B 334 -22.70 39.91 -5.84
CA ILE B 335 -24.08 36.37 -5.95
CA PRO B 336 -27.42 36.09 -4.08
CA PHE B 337 -26.71 32.77 -2.32
CA GLU B 338 -28.76 31.27 0.54
CA ILE B 339 -30.20 27.94 1.64
CA MET B 340 -33.32 26.92 3.59
CA ASP B 341 -34.27 23.82 5.55
CA LEU B 342 -37.12 21.92 3.89
CA GLU B 343 -40.35 23.30 5.50
CA LYS B 344 -38.93 26.67 6.61
CA ARG B 345 -38.48 29.93 4.72
CA HIS B 346 -35.46 31.72 6.21
CA VAL B 347 -31.90 32.64 5.25
CA LEU B 348 -29.04 31.09 7.25
CA GLY B 349 -25.26 30.73 6.79
CA ARG B 350 -22.77 29.34 6.64
CA LEU B 351 -20.59 30.54 3.77
CA ILE B 352 -16.87 29.74 3.77
CA THR B 353 -16.32 31.68 0.54
CA VAL B 354 -16.45 35.37 1.49
CA ASN B 355 -18.82 37.76 -0.33
CA PRO B 356 -19.37 35.48 -3.40
CA ILE B 357 -19.19 37.77 -6.44
CA VAL B 358 -19.14 37.23 -10.28
CA THR B 359 -16.85 39.56 -12.24
CA GLU B 360 -16.93 40.44 -15.93
CA LYS B 361 -13.20 40.66 -15.31
CA ASP B 362 -13.25 36.82 -15.68
CA SER B 363 -13.62 34.78 -12.49
CA PRO B 364 -15.89 34.09 -9.48
CA VAL B 365 -18.62 31.36 -9.39
CA ASN B 366 -17.14 28.80 -6.94
CA ILE B 367 -18.83 28.62 -3.54
CA GLU B 368 -18.15 26.46 -0.47
CA ALA B 369 -20.73 26.50 2.34
CA GLU B 370 -21.74 24.49 5.43
CA PRO B 371 -25.39 23.41 5.81
CA PRO B 372 -27.18 21.81 8.82
CA PHE B 373 -28.00 18.07 8.70
CA GLY B 374 -31.18 16.98 6.88
CA ASP B 375 -33.01 18.10 3.75
CA SER B 376 -32.16 21.57 2.50
CA TYR B 377 -32.61 23.61 -0.65
CA ILE B 378 -29.82 25.75 -2.04
CA ILE B 379 -30.66 28.97 -3.77
CA ILE B 380 -28.79 31.23 -6.14
CA GLY B 381 -32.68 31.55 -6.87
CA VAL B 382 -34.11 34.42 -6.21
CA GLU B 383 -35.32 36.96 -7.96
CA PRO B 384 -37.37 35.77 -10.97
CA GLY B 385 -36.12 32.60 -11.84
CA GLN B 386 -33.87 31.93 -9.25
CA LEU B 387 -31.55 28.87 -9.49
CA LYS B 388 -32.20 26.14 -6.87
CA LEU B 389 -31.00 22.65 -5.93
CA ASP B 390 -32.01 19.99 -3.45
CA TRP B 391 -29.42 18.98 -0.90
CA PHE B 392 -29.46 16.29 1.75
CA LYS B 393 -26.78 17.05 4.33
CA LYS B 394 -24.91 14.14 5.98
CA MET C 1 55.83 -38.69 18.27
CA ARG C 2 52.67 -37.03 16.88
CA CYS C 3 50.61 -37.12 20.03
CA ILE C 4 53.30 -35.12 21.95
CA GLY C 5 52.12 -32.23 19.72
CA ILE C 6 48.73 -31.82 21.48
CA SER C 7 47.41 -31.33 25.02
CA ASN C 8 44.56 -33.84 24.51
CA ARG C 9 46.35 -37.19 24.68
CA ASP C 10 45.36 -40.58 26.05
CA PHE C 11 47.48 -43.63 26.83
CA VAL C 12 46.19 -47.12 26.09
CA GLU C 13 48.14 -50.14 27.30
CA GLY C 14 47.79 -53.81 26.43
CA VAL C 15 49.33 -56.38 28.82
CA SER C 16 50.20 -60.09 28.29
CA GLY C 17 47.97 -61.74 25.71
CA GLY C 18 46.34 -58.40 24.73
CA SER C 19 46.36 -58.63 20.91
CA TRP C 20 43.34 -56.38 20.19
CA VAL C 21 42.60 -52.89 21.52
CA ASP C 22 39.32 -50.94 21.41
CA ILE C 23 39.68 -47.16 21.39
CA VAL C 24 37.31 -44.19 21.24
CA LEU C 25 39.01 -41.66 18.98
CA GLU C 26 37.85 -38.06 19.04
CA HIS C 27 38.74 -35.25 16.74
CA GLY C 28 41.39 -33.04 18.29
CA SER C 29 42.66 -36.00 20.40
CA CYS C 30 45.46 -38.52 20.08
CA VAL C 31 46.08 -41.95 21.54
CA THR C 32 49.40 -43.60 22.31
CA THR C 33 49.21 -47.33 22.36
CA MET C 34 51.92 -49.32 24.13
CA ALA C 35 52.07 -53.10 24.53
CA LYS C 36 54.65 -55.64 25.66
CA ASN C 37 56.83 -56.87 22.80
CA LYS C 38 55.08 -54.48 20.37
CA PRO C 39 56.38 -51.21 18.80
CA THR C 40 54.34 -48.30 20.29
CA LEU C 41 51.89 -46.51 18.00
CA ASP C 42 50.06 -43.20 17.84
CA PHE C 43 46.57 -43.15 16.45
CA GLU C 44 43.93 -40.48 16.03
CA LEU C 45 40.83 -39.49 14.17
CA ILE C 46 41.94 -36.76 11.76
CA LYS C 47 38.76 -35.79 9.96
CA THR C 48 35.04 -36.34 9.45
CA GLU C 49 33.48 -35.06 6.22
CA ALA C 50 31.27 -35.66 3.19
CA LYS C 51 31.98 -34.39 -0.32
CA GLN C 52 29.14 -32.48 -2.01
CA PRO C 53 26.48 -32.97 0.74
CA ALA C 54 22.89 -32.43 -0.45
CA THR C 55 21.74 -28.81 -0.14
CA LEU C 56 18.47 -27.93 1.56
CA ARG C 57 17.05 -24.40 1.43
CA LYS C 58 19.04 -21.33 0.56
CA TYR C 59 18.15 -18.15 2.40
CA CYS C 60 18.65 -14.54 1.35
CA ILE C 61 20.24 -12.25 3.88
CA GLU C 62 20.12 -9.05 1.82
CA ALA C 63 17.48 -8.35 -0.76
CA LYS C 64 18.33 -6.51 -3.99
CA LEU C 65 15.28 -4.56 -5.12
CA THR C 66 14.77 -2.94 -8.52
CA ASN C 67 12.14 -1.65 -10.98
CA THR C 68 9.66 -0.20 -8.47
CA THR C 69 6.30 0.24 -10.24
CA THR C 70 3.13 1.95 -8.98
CA ASP C 71 -0.40 2.03 -10.40
CA SER C 72 -3.21 4.15 -8.96
CA ARG C 73 -6.83 4.74 -9.93
CA CYS C 74 -9.36 7.43 -9.08
CA PRO C 75 -12.27 6.58 -6.68
CA THR C 76 -14.60 5.48 -9.54
CA GLN C 77 -11.99 3.95 -11.89
CA GLY C 78 -11.98 0.53 -10.13
CA GLU C 79 -8.96 -1.58 -9.14
CA PRO C 80 -5.38 -0.53 -10.04
CA THR C 81 -3.37 -3.43 -11.46
CA LEU C 82 0.06 -4.22 -12.62
CA ASN C 83 1.43 -7.24 -14.68
CA GLU C 84 4.10 -7.85 -11.92
CA GLU C 85 1.27 -8.74 -9.46
CA GLN C 86 1.13 -12.07 -11.32
CA ASP C 87 4.86 -12.62 -11.89
CA LYS C 88 7.04 -14.54 -9.46
CA ARG C 89 10.18 -12.61 -8.29
CA PHE C 90 8.07 -9.57 -7.37
CA VAL C 91 6.74 -8.26 -4.05
CA CYS C 92 3.63 -6.15 -4.20
CA LYS C 93 1.25 -4.39 -1.85
CA HIS C 94 -2.27 -3.21 -2.67
CA SER C 95 -3.77 -0.37 -0.62
CA MET C 96 -5.92 2.78 -0.90
CA VAL C 97 -4.83 6.41 -1.12
CA ASP C 98 -6.76 9.63 -0.55
CA ARG C 99 -7.68 11.19 -3.90
CA GLY C 100 -9.49 14.35 -5.01
CA TRP C 101 -9.26 17.38 -7.33
CA GLY C 102 -5.75 18.03 -5.90
CA ASN C 103 -4.45 14.88 -7.64
CA GLY C 104 -6.71 14.96 -10.74
CA CYS C 105 -9.74 12.89 -9.66
CA GLY C 106 -13.39 13.83 -10.27
CA LEU C 107 -14.31 12.73 -6.72
CA PHE C 108 -12.74 13.06 -3.29
CA GLY C 109 -12.36 9.64 -1.68
CA LYS C 110 -10.35 6.42 -1.58
CA GLY C 111 -8.56 5.34 -4.76
CA GLY C 112 -6.98 1.95 -5.39
CA ILE C 113 -3.16 1.83 -5.47
CA VAL C 114 -0.67 -1.01 -5.98
CA THR C 115 3.13 -1.02 -5.82
CA CYS C 116 5.56 -3.74 -6.82
CA ALA C 117 9.29 -4.30 -6.75
CA MET C 118 11.44 -7.02 -8.30
CA PHE C 119 13.15 -8.94 -5.55
CA THR C 120 16.45 -10.72 -5.98
CA CYS C 121 19.06 -11.87 -3.48
CA LYS C 122 22.30 -10.09 -2.80
CA LYS C 123 23.96 -12.71 -0.49
CA ASN C 124 23.04 -16.30 0.71
CA MET C 125 22.90 -18.63 3.72
CA GLU C 126 22.81 -22.23 2.51
CA GLY C 127 22.16 -25.38 4.55
CA LYS C 128 23.61 -28.84 3.84
CA ILE C 129 22.65 -32.27 5.19
CA VAL C 130 24.86 -35.32 5.63
CA GLN C 131 24.11 -38.80 4.35
CA PRO C 132 25.43 -41.33 6.94
CA GLU C 133 26.23 -43.70 4.01
CA ASN C 134 28.53 -41.12 2.30
CA LEU C 135 30.29 -39.58 5.32
CA GLU C 136 34.05 -40.19 5.64
CA TYR C 137 36.13 -40.74 8.71
CA THR C 138 39.88 -40.54 8.36
CA VAL C 139 42.26 -42.12 10.87
CA VAL C 140 46.04 -41.83 10.93
CA ILE C 141 48.60 -44.17 12.43
CA THR C 142 52.23 -43.36 13.23
CA PRO C 143 54.86 -45.80 14.60
CA HIS C 144 57.24 -44.81 17.41
CA SER C 145 60.56 -44.89 15.49
CA GLY C 146 62.61 -42.91 18.06
CA GLU C 147 63.31 -40.39 15.27
CA GLU C 148 65.28 -37.27 16.22
CA HIS C 149 62.21 -35.43 14.88
CA ALA C 150 59.36 -34.60 14.16
CA VAL C 151 57.81 -31.20 14.70
CA GLY C 152 54.14 -30.46 13.91
CA ASN C 153 55.10 -28.62 10.67
CA ASP C 154 57.14 -31.66 9.51
CA THR C 155 55.97 -34.95 7.97
CA GLY C 156 56.74 -38.31 9.60
CA LYS C 157 57.72 -40.71 6.77
CA HIS C 158 56.12 -43.67 8.62
CA GLY C 159 52.66 -42.06 8.99
CA LYS C 160 49.78 -44.00 7.37
CA GLU C 161 46.20 -42.96 6.59
CA VAL C 162 43.00 -45.02 6.62
CA LYS C 163 39.53 -43.92 5.44
CA ILE C 164 36.29 -45.51 6.58
CA THR C 165 32.73 -45.41 5.37
CA PRO C 166 29.69 -47.40 6.69
CA GLN C 167 30.19 -49.92 3.82
CA SER C 168 33.96 -50.24 4.37
CA SER C 169 34.75 -50.60 8.09
CA ILE C 170 38.02 -52.59 7.98
CA THR C 171 41.46 -51.63 6.72
CA GLU C 172 44.83 -53.34 6.94
CA ALA C 173 47.83 -51.01 6.98
CA GLU C 174 51.49 -51.85 6.43
CA LEU C 175 53.60 -49.91 8.92
CA THR C 176 56.88 -50.12 7.01
CA GLY C 177 59.16 -52.77 8.63
CA TYR C 178 56.90 -52.90 11.76
CA GLY C 179 54.39 -55.24 10.05
CA THR C 180 50.70 -54.94 9.50
CA VAL C 181 48.07 -53.34 11.71
CA THR C 182 44.35 -53.84 11.28
CA MET C 183 41.79 -51.11 11.91
CA GLU C 184 38.06 -51.71 12.26
CA CYS C 185 36.24 -48.41 12.81
CA SER C 186 32.44 -48.34 12.87
CA PRO C 187 30.95 -45.13 11.31
CA ARG C 188 27.64 -46.14 12.94
CA THR C 189 29.28 -45.64 16.36
CA GLY C 190 30.03 -42.02 15.33
CA LEU C 191 28.04 -38.87 15.65
CA ASP C 192 24.34 -38.92 14.84
CA PHE C 193 23.63 -36.33 12.17
CA ASN C 194 19.83 -36.51 11.78
CA GLU C 195 19.28 -32.96 13.16
CA MET C 196 22.57 -31.51 11.84
CA VAL C 197 22.74 -28.84 9.15
CA LEU C 198 25.99 -27.28 7.94
CA LEU C 199 25.37 -23.62 7.40
CA GLN C 200 27.46 -21.77 4.85
CA MET C 201 27.51 -18.06 4.05
CA LYS C 202 30.26 -16.66 1.82
CA ASP C 203 33.06 -18.00 4.05
CA LYS C 204 33.38 -21.10 6.26
CA ALA C 205 30.65 -22.63 8.25
CA TRP C 206 28.67 -23.50 11.33
CA LEU C 207 26.99 -26.61 12.64
CA VAL C 208 23.40 -25.72 13.41
CA HIS C 209 20.25 -27.55 14.54
CA ARG C 210 17.83 -28.44 11.71
CA GLN C 211 14.77 -27.00 13.52
CA TRP C 212 16.49 -23.63 14.06
CA PHE C 213 17.59 -23.51 10.39
CA LEU C 214 14.09 -24.34 9.09
CA ASP C 215 12.59 -21.50 11.16
CA LEU C 216 14.70 -18.67 9.75
CA PRO C 217 12.49 -15.62 9.09
CA LEU C 218 14.20 -15.01 5.71
CA PRO C 219 13.35 -15.28 1.96
CA TRP C 220 14.19 -18.81 0.82
CA LEU C 221 14.33 -21.01 -2.26
CA PRO C 222 15.67 -24.33 -3.54
CA GLY C 223 18.94 -24.40 -5.32
CA ALA C 224 17.91 -27.29 -7.25
CA ASP C 225 19.08 -27.02 -10.86
CA THR C 226 21.16 -23.94 -9.84
CA GLN C 227 17.71 -22.30 -9.91
CA GLY C 228 14.94 -21.96 -8.09
CA SER C 229 14.87 -18.67 -10.07
CA ASN C 230 12.77 -16.79 -7.52
CA TRP C 231 12.66 -16.41 -3.75
CA ILE C 232 9.66 -17.32 -1.69
CA GLN C 233 8.70 -15.11 1.20
CA LYS C 234 10.72 -12.21 -0.20
CA GLU C 235 8.38 -9.74 1.59
CA THR C 236 10.26 -10.71 4.80
CA LEU C 237 12.94 -8.09 3.86
CA VAL C 238 10.66 -5.61 2.29
CA THR C 239 8.23 -3.12 3.32
CA PHE C 240 6.96 -1.50 0.15
CA LYS C 241 6.53 0.86 3.05
CA ASN C 242 3.38 2.71 4.10
CA PRO C 243 2.46 5.80 2.12
CA HIS C 244 3.04 9.20 3.47
CA ALA C 245 1.85 12.15 1.41
CA LYS C 246 3.49 11.84 -2.07
CA LYS C 247 6.11 9.23 -1.11
CA GLN C 248 6.27 5.45 -0.70
CA ASP C 249 9.46 3.65 0.14
CA VAL C 250 10.58 0.60 -1.56
CA VAL C 251 12.09 0.10 1.94
CA VAL C 252 14.62 -2.57 2.26
CA LEU C 253 15.40 -4.03 5.74
CA GLY C 254 19.10 -4.09 4.84
CA SER C 255 21.74 -6.78 5.30
CA GLN C 256 20.78 -9.46 7.86
CA GLU C 257 24.35 -10.83 8.14
CA GLY C 258 25.08 -8.98 11.40
CA ALA C 259 21.75 -10.24 12.83
CA MET C 260 22.51 -13.85 11.92
CA HIS C 261 26.11 -13.68 13.23
CA THR C 262 24.77 -12.64 16.66
CA ALA C 263 22.53 -15.75 16.66
CA LEU C 264 25.54 -17.86 15.58
CA THR C 265 27.75 -16.86 18.52
CA GLY C 266 28.18 -19.92 20.77
CA ALA C 267 27.22 -22.28 17.90
CA THR C 268 29.94 -24.77 16.95
CA GLU C 269 31.96 -23.94 13.83
CA ILE C 270 32.54 -26.42 11.02
CA GLN C 271 34.89 -26.12 8.04
CA MET C 272 34.60 -26.31 4.21
CA SER C 273 37.61 -27.33 2.05
CA SER C 274 36.59 -27.05 -1.62
CA GLY C 275 33.28 -28.55 -0.42
CA ASN C 276 35.07 -31.03 1.88
CA LEU C 277 33.77 -29.97 5.27
CA LEU C 278 35.58 -31.07 8.50
CA PHE C 279 34.42 -31.57 12.08
CA THR C 280 35.31 -32.96 15.49
CA GLY C 281 33.12 -35.75 16.97
CA HIS C 282 34.24 -39.33 17.59
CA LEU C 283 34.40 -42.98 16.54
CA LYS C 284 35.34 -46.30 18.13
CA CYS C 285 37.90 -48.48 16.39
CA ARG C 286 39.45 -51.88 17.12
CA LEU C 287 43.20 -52.16 16.59
CA ARG C 288 44.82 -55.50 15.83
CA MET C 289 48.46 -55.60 16.95
CA ASP C 290 49.20 -59.34 16.46
CA LYS C 291 51.09 -58.67 13.21
CA LEU C 292 53.40 -55.98 14.60
CA GLN C 293 57.04 -56.68 15.25
CA LEU C 294 59.29 -54.74 17.15
CA LYS C 295 62.66 -53.98 17.43
CA GLY C 296 65.79 -54.85 19.29
CA MET C 297 64.73 -57.55 21.75
CA SER C 298 67.73 -59.83 20.95
CA TYR C 299 70.44 -57.17 21.14
CA SER C 300 72.93 -57.31 24.02
CA MET C 301 72.84 -54.54 26.63
CA CYS C 302 75.78 -52.19 27.20
CA THR C 303 76.41 -50.93 30.74
CA GLY C 304 78.92 -48.17 29.82
CA LYS C 305 79.32 -45.28 27.38
CA PHE C 306 76.41 -42.94 28.09
CA LYS C 307 76.23 -39.17 28.28
CA VAL C 308 73.32 -36.71 28.34
CA VAL C 309 72.63 -34.88 25.11
CA LYS C 310 69.40 -33.51 26.65
CA GLU C 311 69.15 -33.76 30.44
CA ILE C 312 65.92 -34.79 32.09
CA ALA C 313 63.13 -32.31 31.43
CA GLU C 314 59.47 -31.98 32.36
CA THR C 315 57.35 -32.77 29.28
CA GLN C 316 54.19 -30.91 30.45
CA HIS C 317 52.27 -34.23 30.43
CA GLY C 318 53.50 -35.39 33.88
CA THR C 319 56.23 -37.39 32.13
CA ILE C 320 59.99 -36.93 31.80
CA VAL C 321 61.81 -36.62 28.46
CA ILE C 322 65.58 -36.99 27.81
CA ARG C 323 68.02 -37.95 25.16
CA VAL C 324 71.30 -39.84 25.63
CA GLN C 325 74.33 -40.41 23.40
CA TYR C 326 76.20 -43.70 23.21
CA GLU C 327 79.86 -44.03 22.12
CA GLY C 328 80.07 -47.81 22.20
CA ASP C 329 79.45 -50.48 19.71
CA GLY C 330 76.98 -52.80 21.34
CA SER C 331 76.50 -53.16 17.54
CA PRO C 332 72.75 -52.00 18.03
CA CYS C 333 72.13 -52.50 21.81
CA LYS C 334 69.47 -52.17 24.46
CA ILE C 335 69.64 -49.13 26.72
CA PRO C 336 69.88 -50.12 30.43
CA PHE C 337 67.43 -47.52 31.78
CA GLU C 338 65.93 -47.48 35.29
CA ILE C 339 65.18 -45.04 38.10
CA MET C 340 65.09 -45.34 41.90
CA ASP C 341 63.43 -43.31 44.64
CA LEU C 342 65.98 -41.54 46.84
CA GLU C 343 66.69 -43.96 49.77
CA LYS C 344 65.64 -47.17 48.00
CA ARG C 345 67.56 -49.47 45.65
CA HIS C 346 65.02 -51.05 43.28
CA VAL C 347 64.04 -50.91 39.60
CA LEU C 348 60.55 -49.63 38.71
CA GLY C 349 58.81 -48.42 35.54
CA ARG C 350 57.31 -46.62 33.89
CA LEU C 351 58.70 -46.36 30.36
CA ILE C 352 56.53 -44.92 27.59
CA THR C 353 59.23 -45.52 24.97
CA VAL C 354 59.23 -49.27 24.30
CA ASN C 355 62.46 -51.31 24.58
CA PRO C 356 64.83 -48.28 24.34
CA ILE C 357 67.66 -49.33 22.02
CA VAL C 358 70.67 -47.54 20.37
CA THR C 359 71.46 -48.60 16.79
CA GLU C 360 74.68 -48.19 14.84
CA LYS C 361 72.19 -47.90 12.01
CA ASP C 362 71.80 -44.24 13.17
CA SER C 363 69.00 -43.50 15.65
CA PRO C 364 67.65 -44.30 19.14
CA VAL C 365 68.55 -42.32 22.33
CA ASN C 366 65.26 -40.50 23.12
CA ILE C 367 63.37 -41.79 26.16
CA GLU C 368 60.08 -40.70 27.76
CA ALA C 369 59.19 -42.17 31.18
CA GLU C 370 56.84 -41.55 34.11
CA PRO C 371 58.31 -41.36 37.66
CA PRO C 372 56.52 -41.23 41.05
CA PHE C 373 56.37 -37.90 42.92
CA GLY C 374 59.37 -36.87 45.04
CA ASP C 375 63.15 -37.20 44.70
CA SER C 376 64.35 -39.83 42.26
CA TYR C 377 67.55 -40.73 40.46
CA ILE C 378 67.57 -41.72 36.81
CA ILE C 379 70.06 -44.27 35.61
CA ILE C 380 71.39 -45.19 32.22
CA GLY C 381 74.17 -45.98 34.94
CA VAL C 382 74.95 -49.12 35.46
CA GLU C 383 77.52 -51.09 34.78
CA PRO C 384 80.87 -49.38 35.45
CA GLY C 385 80.29 -45.92 35.09
CA GLN C 386 76.84 -45.75 34.69
CA LEU C 387 75.20 -42.41 33.69
CA LYS C 388 72.91 -40.89 36.37
CA LEU C 389 70.82 -37.76 37.00
CA ASP C 390 68.85 -36.34 39.88
CA TRP C 391 65.15 -35.77 39.29
CA PHE C 392 62.51 -34.19 41.47
CA LYS C 393 59.09 -35.25 40.22
CA LYS C 394 56.18 -32.78 40.45
#